data_5H7Y
#
_entry.id   5H7Y
#
_cell.length_a   113.614
_cell.length_b   113.614
_cell.length_c   128.131
_cell.angle_alpha   90.00
_cell.angle_beta   90.00
_cell.angle_gamma   120.00
#
_symmetry.space_group_name_H-M   'P 61 2 2'
#
loop_
_entity.id
_entity.type
_entity.pdbx_description
1 polymer 'Uncharacterized protein'
2 polymer 'Uncharacterized protein'
3 water water
#
loop_
_entity_poly.entity_id
_entity_poly.type
_entity_poly.pdbx_seq_one_letter_code
_entity_poly.pdbx_strand_id
1 'polypeptide(L)'
;(MSE)GSSHHHHHHSSGLVPRGSH(MSE)SSSRSSS(MSE)DKTGWITHCFGRFLIDLPPDAVINAGYYLWGDRIEYLDD
KPTELAARVDRLEQEWRTQRHKSKGN(MSE)FLRKIDFGNESVGLLSWSSEVASKTYLLDTYVTSKPTWHVYRWKGKVSV
DREQHAVEISRALARNLRSRAPKEIPSEPGFCIDHAYIAGDSFQVERFGVGVTFPEHPGARFEFRSSTGAELNSLLERVD
GFVQN(MSE)LSTFAG(MSE)ETLRKGKHPVGSLPGEEYLVAGSDKGQRGYTF(MSE)WEVQGKEESLTEPNLTAGLAVL
ERSNENGKPPPPAFKSDKEALELWDTIVDSIRVRPTSSSPRGGNAGPSPAPKPATPGGQTLGDHYVYEEFLSSLKPKDSW
LDDL
;
A
2 'polypeptide(L)' DDLFASIGALWTWAWRGPKARQELLKA B
#
# COMPACT_ATOMS: atom_id res chain seq x y z
N ASP A 30 -3.24 -20.38 14.66
CA ASP A 30 -2.84 -19.75 15.91
C ASP A 30 -2.97 -18.22 15.88
N LYS A 31 -4.17 -17.72 15.59
CA LYS A 31 -4.44 -16.30 15.36
C LYS A 31 -4.93 -15.57 16.61
N THR A 32 -4.43 -15.99 17.77
CA THR A 32 -4.80 -15.37 19.03
C THR A 32 -4.35 -13.91 19.06
N GLY A 33 -5.30 -13.02 19.32
CA GLY A 33 -5.01 -11.60 19.42
C GLY A 33 -4.75 -10.90 18.10
N TRP A 34 -4.98 -11.57 16.97
CA TRP A 34 -4.73 -10.94 15.68
C TRP A 34 -5.80 -9.91 15.39
N ILE A 35 -5.42 -8.90 14.62
CA ILE A 35 -6.27 -7.76 14.35
C ILE A 35 -6.57 -7.73 12.88
N THR A 36 -7.84 -7.53 12.55
CA THR A 36 -8.26 -7.28 11.18
C THR A 36 -8.12 -5.79 10.88
N HIS A 37 -7.36 -5.48 9.83
CA HIS A 37 -7.11 -4.10 9.38
C HIS A 37 -7.81 -3.88 8.06
N CYS A 38 -8.28 -2.64 7.84
CA CYS A 38 -8.79 -2.24 6.53
C CYS A 38 -7.74 -1.38 5.81
N PHE A 39 -7.47 -1.72 4.57
CA PHE A 39 -6.63 -0.91 3.70
C PHE A 39 -7.33 -0.86 2.36
N GLY A 40 -7.64 0.35 1.89
CA GLY A 40 -8.32 0.49 0.62
C GLY A 40 -9.65 -0.26 0.66
N ARG A 41 -9.89 -1.09 -0.35
CA ARG A 41 -11.08 -1.93 -0.43
C ARG A 41 -10.94 -3.25 0.32
N PHE A 42 -9.80 -3.53 0.94
CA PHE A 42 -9.48 -4.86 1.41
C PHE A 42 -9.37 -4.93 2.92
N LEU A 43 -9.47 -6.15 3.44
CA LEU A 43 -9.13 -6.51 4.80
C LEU A 43 -7.98 -7.51 4.79
N ILE A 44 -7.18 -7.46 5.84
CA ILE A 44 -6.11 -8.42 6.06
C ILE A 44 -5.95 -8.55 7.57
N ASP A 45 -5.57 -9.74 8.02
CA ASP A 45 -5.31 -9.98 9.43
C ASP A 45 -3.82 -10.01 9.70
N LEU A 46 -3.41 -9.40 10.80
CA LEU A 46 -2.02 -9.32 11.19
C LEU A 46 -1.89 -9.58 12.68
N PRO A 47 -0.76 -10.13 13.12
CA PRO A 47 -0.54 -10.36 14.54
C PRO A 47 -0.53 -9.07 15.33
N PRO A 48 -0.83 -9.13 16.63
CA PRO A 48 -1.08 -7.89 17.39
C PRO A 48 0.14 -7.01 17.58
N ASP A 49 1.35 -7.57 17.63
CA ASP A 49 2.55 -6.78 17.78
C ASP A 49 3.11 -6.26 16.44
N ALA A 50 2.39 -6.41 15.34
CA ALA A 50 2.88 -5.95 14.05
C ALA A 50 3.10 -4.44 14.06
N VAL A 51 4.24 -4.01 13.49
CA VAL A 51 4.56 -2.61 13.31
C VAL A 51 4.21 -2.22 11.87
N ILE A 52 3.29 -1.28 11.72
CA ILE A 52 2.61 -1.02 10.45
C ILE A 52 2.84 0.41 9.99
N ASN A 53 3.17 0.57 8.71
CA ASN A 53 3.26 1.85 8.01
C ASN A 53 2.51 1.76 6.70
N ALA A 54 1.74 2.79 6.35
CA ALA A 54 0.92 2.75 5.15
C ALA A 54 0.87 4.10 4.45
N GLY A 55 0.86 4.05 3.12
CA GLY A 55 0.61 5.22 2.31
C GLY A 55 -0.56 4.98 1.38
N TYR A 56 -1.26 6.06 1.04
CA TYR A 56 -2.47 6.02 0.24
C TYR A 56 -2.38 7.06 -0.83
N TYR A 57 -2.86 6.71 -2.01
CA TYR A 57 -2.73 7.54 -3.20
C TYR A 57 -4.03 7.52 -3.97
N LEU A 58 -4.46 8.71 -4.37
CA LEU A 58 -5.70 8.96 -5.09
C LEU A 58 -5.38 9.70 -6.37
N TRP A 59 -5.84 9.17 -7.51
CA TRP A 59 -5.48 9.68 -8.83
C TRP A 59 -3.99 9.97 -8.90
N GLY A 60 -3.17 9.07 -8.34
CA GLY A 60 -1.73 9.16 -8.43
C GLY A 60 -1.04 10.06 -7.42
N ASP A 61 -1.77 10.81 -6.59
CA ASP A 61 -1.10 11.63 -5.58
C ASP A 61 -1.46 11.20 -4.17
N ARG A 62 -0.48 11.34 -3.28
CA ARG A 62 -0.64 10.88 -1.92
C ARG A 62 -1.72 11.67 -1.19
N ILE A 63 -2.51 10.97 -0.39
CA ILE A 63 -3.44 11.64 0.51
C ILE A 63 -2.94 11.36 1.92
N GLU A 64 -2.50 12.44 2.56
CA GLU A 64 -1.72 12.37 3.79
C GLU A 64 -2.55 12.90 4.95
N TYR A 65 -2.61 12.10 6.00
CA TYR A 65 -3.25 12.49 7.24
C TYR A 65 -2.41 13.56 7.94
N LEU A 66 -3.06 14.65 8.34
CA LEU A 66 -2.43 15.67 9.18
C LEU A 66 -3.18 15.73 10.51
N ASP A 67 -2.45 16.03 11.58
CA ASP A 67 -3.11 16.07 12.89
C ASP A 67 -3.59 17.46 13.26
N ASP A 68 -3.57 18.41 12.32
CA ASP A 68 -4.14 19.75 12.51
C ASP A 68 -5.55 19.72 13.11
N LYS A 69 -5.74 20.51 14.15
CA LYS A 69 -7.07 20.93 14.57
C LYS A 69 -7.55 22.06 13.69
N PRO A 70 -8.84 22.43 13.82
CA PRO A 70 -9.41 23.44 12.90
C PRO A 70 -8.63 24.75 12.80
N THR A 71 -8.25 25.38 13.93
CA THR A 71 -7.51 26.64 13.84
C THR A 71 -6.11 26.41 13.31
N GLU A 72 -5.51 25.25 13.61
CA GLU A 72 -4.17 24.96 13.12
C GLU A 72 -4.18 24.79 11.61
N LEU A 73 -5.23 24.16 11.08
CA LEU A 73 -5.38 24.09 9.63
C LEU A 73 -5.52 25.47 9.01
N ALA A 74 -6.40 26.32 9.58
CA ALA A 74 -6.55 27.67 9.06
C ALA A 74 -5.24 28.44 9.11
N ALA A 75 -4.48 28.27 10.20
CA ALA A 75 -3.17 28.91 10.28
C ALA A 75 -2.20 28.38 9.22
N ARG A 76 -2.16 27.06 9.02
CA ARG A 76 -1.34 26.47 7.96
C ARG A 76 -1.66 27.06 6.60
N VAL A 77 -2.95 27.12 6.25
CA VAL A 77 -3.36 27.66 4.96
C VAL A 77 -2.93 29.12 4.82
N ASP A 78 -3.10 29.91 5.89
CA ASP A 78 -2.72 31.31 5.79
C ASP A 78 -1.20 31.46 5.59
N ARG A 79 -0.39 30.68 6.31
CA ARG A 79 1.05 30.70 6.10
C ARG A 79 1.41 30.39 4.65
N LEU A 80 0.83 29.30 4.10
CA LEU A 80 1.16 28.91 2.74
C LEU A 80 0.82 30.00 1.75
N GLU A 81 -0.32 30.66 1.95
CA GLU A 81 -0.71 31.75 1.07
C GLU A 81 0.23 32.94 1.21
N GLN A 82 0.65 33.26 2.44
CA GLN A 82 1.66 34.30 2.62
C GLN A 82 2.92 33.95 1.85
N GLU A 83 3.40 32.70 1.98
CA GLU A 83 4.64 32.31 1.31
C GLU A 83 4.49 32.36 -0.21
N TRP A 84 3.43 31.74 -0.75
CA TRP A 84 3.23 31.78 -2.20
C TRP A 84 3.18 33.21 -2.74
N ARG A 85 2.94 34.19 -1.87
CA ARG A 85 2.92 35.58 -2.33
C ARG A 85 4.32 36.20 -2.31
N THR A 86 5.24 35.66 -1.52
CA THR A 86 6.60 36.19 -1.46
C THR A 86 7.46 35.72 -2.64
N PHE A 96 1.48 32.62 -6.72
CA PHE A 96 0.14 32.22 -6.29
C PHE A 96 -0.91 32.65 -7.31
N LEU A 97 -2.07 32.00 -7.23
CA LEU A 97 -3.18 32.29 -8.13
C LEU A 97 -4.52 32.41 -7.39
N ARG A 98 -4.95 31.38 -6.66
CA ARG A 98 -6.34 31.35 -6.20
C ARG A 98 -6.52 30.41 -5.00
N LYS A 99 -7.40 30.80 -4.09
CA LYS A 99 -7.84 29.94 -3.00
C LYS A 99 -9.28 29.52 -3.25
N ILE A 100 -9.57 28.24 -3.06
CA ILE A 100 -10.81 27.64 -3.51
C ILE A 100 -11.49 26.95 -2.34
N ASP A 101 -12.77 27.23 -2.14
CA ASP A 101 -13.56 26.59 -1.10
C ASP A 101 -14.21 25.37 -1.72
N PHE A 102 -13.94 24.19 -1.14
CA PHE A 102 -14.57 22.94 -1.56
C PHE A 102 -15.78 22.60 -0.72
N GLY A 103 -16.05 23.41 0.29
CA GLY A 103 -17.28 23.38 1.01
C GLY A 103 -17.10 23.08 2.47
N ASN A 104 -16.64 21.87 2.73
CA ASN A 104 -16.93 21.22 4.01
C ASN A 104 -15.86 21.53 5.06
N GLU A 105 -15.56 22.81 5.20
CA GLU A 105 -14.32 23.31 5.78
C GLU A 105 -13.10 22.93 4.93
N SER A 106 -13.33 22.39 3.74
CA SER A 106 -12.26 21.96 2.86
C SER A 106 -11.89 23.07 1.89
N VAL A 107 -10.60 23.18 1.63
CA VAL A 107 -10.08 24.28 0.82
C VAL A 107 -8.89 23.78 0.00
N GLY A 108 -8.67 24.39 -1.16
CA GLY A 108 -7.47 24.16 -1.94
C GLY A 108 -6.80 25.44 -2.39
N LEU A 109 -5.47 25.37 -2.49
CA LEU A 109 -4.64 26.46 -3.00
C LEU A 109 -4.11 26.10 -4.39
N LEU A 110 -4.42 26.97 -5.37
CA LEU A 110 -3.98 26.83 -6.75
C LEU A 110 -2.83 27.79 -7.04
N SER A 111 -1.68 27.26 -7.44
CA SER A 111 -0.51 28.06 -7.77
C SER A 111 0.12 27.49 -9.04
N TRP A 112 1.27 28.05 -9.44
CA TRP A 112 2.08 27.48 -10.50
C TRP A 112 2.98 26.39 -9.95
N SER A 113 3.31 25.43 -10.80
CA SER A 113 4.19 24.35 -10.39
C SER A 113 5.64 24.74 -10.57
N THR A 120 0.82 23.79 -16.57
CA THR A 120 0.52 23.06 -15.34
C THR A 120 0.44 23.93 -14.06
N TYR A 121 -0.64 23.73 -13.29
CA TYR A 121 -0.74 24.26 -11.94
C TYR A 121 -0.36 23.23 -10.90
N LEU A 122 -0.20 23.72 -9.67
CA LEU A 122 -0.17 22.92 -8.46
C LEU A 122 -1.44 23.21 -7.65
N LEU A 123 -2.21 22.15 -7.38
CA LEU A 123 -3.39 22.24 -6.53
C LEU A 123 -3.11 21.50 -5.22
N ASP A 124 -3.07 22.26 -4.12
CA ASP A 124 -2.79 21.73 -2.79
C ASP A 124 -4.14 21.68 -2.06
N THR A 125 -4.73 20.49 -1.97
CA THR A 125 -6.06 20.33 -1.38
C THR A 125 -5.96 19.89 0.09
N TYR A 126 -6.76 20.53 0.93
CA TYR A 126 -6.91 20.16 2.33
C TYR A 126 -8.38 19.82 2.54
N VAL A 127 -8.63 18.60 3.00
CA VAL A 127 -9.98 18.05 3.01
C VAL A 127 -10.21 17.44 4.39
N THR A 128 -11.45 17.54 4.88
CA THR A 128 -11.80 17.04 6.21
C THR A 128 -12.81 15.90 6.11
N SER A 129 -12.72 14.95 7.05
CA SER A 129 -13.67 13.85 7.16
C SER A 129 -14.88 14.25 8.03
N LYS A 130 -15.98 13.55 7.82
CA LYS A 130 -17.19 13.71 8.62
C LYS A 130 -17.70 12.33 9.02
N PRO A 131 -18.32 12.23 10.19
CA PRO A 131 -18.58 13.29 11.17
C PRO A 131 -17.35 13.79 11.99
N THR A 132 -16.43 12.90 12.33
CA THR A 132 -15.33 13.27 13.20
C THR A 132 -14.23 14.01 12.43
N TRP A 133 -13.75 15.12 13.00
CA TRP A 133 -12.73 15.99 12.38
C TRP A 133 -11.39 15.26 12.18
N HIS A 134 -10.94 15.20 10.94
CA HIS A 134 -9.57 14.84 10.61
C HIS A 134 -9.26 15.56 9.31
N VAL A 135 -8.01 16.02 9.17
CA VAL A 135 -7.56 16.75 7.99
C VAL A 135 -6.62 15.88 7.16
N TYR A 136 -6.76 15.96 5.84
CA TYR A 136 -5.91 15.25 4.88
C TYR A 136 -5.41 16.26 3.85
N ARG A 137 -4.10 16.20 3.55
CA ARG A 137 -3.56 16.95 2.42
C ARG A 137 -3.42 16.05 1.19
N TRP A 138 -3.78 16.62 0.04
CA TRP A 138 -3.84 15.91 -1.24
C TRP A 138 -3.38 16.91 -2.30
N LYS A 139 -2.11 16.82 -2.66
CA LYS A 139 -1.43 17.80 -3.50
C LYS A 139 -0.98 17.14 -4.79
N GLY A 140 -1.29 17.79 -5.91
CA GLY A 140 -0.84 17.29 -7.21
C GLY A 140 -0.83 18.36 -8.26
N LYS A 141 -0.23 18.02 -9.40
CA LYS A 141 -0.17 18.90 -10.57
C LYS A 141 -1.43 18.82 -11.42
N VAL A 142 -1.82 19.95 -12.00
CA VAL A 142 -3.03 20.07 -12.81
C VAL A 142 -2.69 20.86 -14.06
N SER A 143 -3.21 20.41 -15.19
CA SER A 143 -2.89 21.04 -16.48
C SER A 143 -3.64 22.35 -16.67
N GLU A 147 -8.53 21.90 -15.26
CA GLU A 147 -8.64 22.73 -14.06
C GLU A 147 -9.99 22.53 -13.41
N GLN A 148 -11.06 22.93 -14.11
CA GLN A 148 -12.40 22.73 -13.55
C GLN A 148 -12.60 21.27 -13.17
N HIS A 149 -11.94 20.37 -13.88
CA HIS A 149 -12.08 18.94 -13.59
C HIS A 149 -11.47 18.59 -12.25
N ALA A 150 -10.29 19.14 -11.94
CA ALA A 150 -9.61 18.83 -10.68
C ALA A 150 -10.36 19.41 -9.49
N VAL A 151 -10.92 20.61 -9.65
CA VAL A 151 -11.70 21.20 -8.56
C VAL A 151 -12.89 20.33 -8.26
N GLU A 152 -13.57 19.86 -9.31
CA GLU A 152 -14.72 18.97 -9.10
C GLU A 152 -14.31 17.69 -8.38
N ILE A 153 -13.11 17.17 -8.66
CA ILE A 153 -12.68 15.95 -7.97
C ILE A 153 -12.43 16.24 -6.50
N SER A 154 -11.76 17.36 -6.22
CA SER A 154 -11.57 17.78 -4.83
C SER A 154 -12.91 17.97 -4.13
N ARG A 155 -13.88 18.59 -4.82
CA ARG A 155 -15.21 18.79 -4.25
C ARG A 155 -15.86 17.45 -3.88
N ALA A 156 -15.85 16.49 -4.80
CA ALA A 156 -16.42 15.19 -4.50
C ALA A 156 -15.67 14.52 -3.34
N LEU A 157 -14.34 14.66 -3.30
CA LEU A 157 -13.59 14.15 -2.14
C LEU A 157 -14.12 14.75 -0.85
N ALA A 158 -14.28 16.08 -0.79
CA ALA A 158 -14.78 16.72 0.41
C ALA A 158 -16.18 16.24 0.79
N ARG A 159 -17.04 15.97 -0.19
CA ARG A 159 -18.33 15.36 0.14
C ARG A 159 -18.19 13.92 0.64
N ASN A 160 -17.26 13.14 0.05
CA ASN A 160 -17.28 11.68 0.22
C ASN A 160 -16.44 11.18 1.37
N LEU A 161 -15.63 12.04 1.97
CA LEU A 161 -14.66 11.58 2.95
C LEU A 161 -15.36 11.38 4.29
N ARG A 162 -15.30 10.17 4.80
CA ARG A 162 -15.97 9.80 6.02
C ARG A 162 -14.94 9.38 7.07
N SER A 163 -15.24 9.69 8.33
CA SER A 163 -14.37 9.22 9.40
C SER A 163 -14.74 7.80 9.77
N ARG A 164 -13.80 7.12 10.43
CA ARG A 164 -14.03 5.79 10.94
C ARG A 164 -13.31 5.72 12.27
N ALA A 165 -13.85 4.95 13.18
CA ALA A 165 -13.22 4.79 14.47
C ALA A 165 -12.06 3.81 14.36
N PRO A 166 -11.17 3.81 15.35
CA PRO A 166 -9.97 2.96 15.24
C PRO A 166 -10.26 1.49 14.98
N LYS A 167 -11.21 0.89 15.71
CA LYS A 167 -11.51 -0.53 15.56
C LYS A 167 -12.66 -0.79 14.59
N GLU A 168 -12.99 0.15 13.71
CA GLU A 168 -14.21 0.07 12.92
C GLU A 168 -13.92 -0.51 11.55
N ILE A 169 -14.75 -1.44 11.12
CA ILE A 169 -14.73 -1.95 9.76
C ILE A 169 -16.00 -1.44 9.08
N PRO A 170 -15.91 -0.46 8.17
CA PRO A 170 -17.12 0.14 7.59
C PRO A 170 -17.92 -0.88 6.80
N SER A 171 -19.24 -0.71 6.86
CA SER A 171 -20.19 -1.49 6.08
C SER A 171 -20.56 -0.81 4.78
N GLU A 172 -20.33 0.44 4.67
CA GLU A 172 -20.56 1.21 3.45
C GLU A 172 -19.42 0.96 2.45
N PRO A 173 -19.69 1.03 1.14
CA PRO A 173 -18.59 0.96 0.17
C PRO A 173 -17.65 2.14 0.26
N GLY A 174 -16.37 1.87 0.03
CA GLY A 174 -15.38 2.93 0.06
C GLY A 174 -13.98 2.40 0.27
N PHE A 175 -13.04 3.33 0.09
CA PHE A 175 -11.59 3.08 0.15
C PHE A 175 -11.05 3.62 1.48
N CYS A 176 -10.65 2.72 2.37
CA CYS A 176 -10.13 3.10 3.67
C CYS A 176 -8.70 3.63 3.62
N ILE A 177 -8.47 4.73 4.35
CA ILE A 177 -7.16 5.36 4.56
C ILE A 177 -7.03 5.56 6.07
N ASP A 178 -6.01 6.30 6.53
CA ASP A 178 -5.86 6.53 7.98
C ASP A 178 -7.07 7.27 8.55
N HIS A 179 -7.69 6.65 9.56
CA HIS A 179 -8.83 7.19 10.34
C HIS A 179 -10.03 7.59 9.48
N ALA A 180 -10.16 7.14 8.24
CA ALA A 180 -11.22 7.61 7.36
C ALA A 180 -11.43 6.63 6.23
N TYR A 181 -12.43 6.92 5.40
CA TYR A 181 -12.60 6.21 4.14
C TYR A 181 -13.30 7.14 3.16
N ILE A 182 -12.97 6.92 1.89
CA ILE A 182 -13.55 7.67 0.79
C ILE A 182 -14.78 6.88 0.39
N ALA A 183 -15.97 7.42 0.66
CA ALA A 183 -17.21 6.65 0.49
C ALA A 183 -17.59 6.56 -0.97
N GLY A 184 -18.12 5.40 -1.35
CA GLY A 184 -18.64 5.22 -2.68
C GLY A 184 -18.08 3.97 -3.34
N ASP A 185 -18.63 3.69 -4.52
CA ASP A 185 -18.20 2.53 -5.29
C ASP A 185 -18.18 2.83 -6.78
N SER A 186 -18.08 4.10 -7.15
CA SER A 186 -17.76 4.45 -8.53
C SER A 186 -16.25 4.38 -8.74
N PHE A 187 -15.86 4.16 -9.99
CA PHE A 187 -14.47 3.87 -10.26
C PHE A 187 -13.62 5.11 -10.05
N GLN A 188 -12.47 4.90 -9.41
CA GLN A 188 -11.45 5.94 -9.31
C GLN A 188 -10.08 5.25 -9.28
N VAL A 189 -9.07 5.97 -9.78
CA VAL A 189 -7.68 5.55 -9.61
C VAL A 189 -7.29 5.65 -8.14
N GLU A 190 -6.97 4.51 -7.55
CA GLU A 190 -6.63 4.47 -6.14
C GLU A 190 -5.60 3.37 -5.90
N ARG A 191 -4.81 3.57 -4.87
CA ARG A 191 -3.68 2.70 -4.58
C ARG A 191 -3.28 2.87 -3.11
N PHE A 192 -2.78 1.79 -2.52
CA PHE A 192 -2.11 1.88 -1.24
C PHE A 192 -0.90 0.96 -1.20
N GLY A 193 -0.02 1.21 -0.21
CA GLY A 193 1.06 0.31 0.16
C GLY A 193 1.23 0.26 1.64
N VAL A 194 1.42 -0.94 2.17
CA VAL A 194 1.60 -1.17 3.59
C VAL A 194 2.91 -1.92 3.82
N GLY A 195 3.72 -1.42 4.73
CA GLY A 195 4.94 -2.09 5.17
C GLY A 195 4.73 -2.57 6.60
N VAL A 196 5.22 -3.77 6.90
CA VAL A 196 4.98 -4.42 8.17
C VAL A 196 6.26 -5.10 8.64
N THR A 197 6.62 -4.90 9.91
CA THR A 197 7.68 -5.68 10.54
C THR A 197 7.12 -6.35 11.79
N PHE A 198 7.80 -7.40 12.23
CA PHE A 198 7.34 -8.30 13.29
C PHE A 198 8.42 -8.37 14.35
N PRO A 199 8.16 -7.90 15.58
CA PRO A 199 9.20 -7.91 16.63
C PRO A 199 9.84 -9.28 16.87
N GLU A 200 9.09 -10.37 16.72
CA GLU A 200 9.63 -11.71 16.93
C GLU A 200 10.39 -12.27 15.73
N HIS A 201 10.46 -11.56 14.61
CA HIS A 201 11.16 -12.05 13.41
C HIS A 201 12.09 -10.95 12.90
N PRO A 202 13.21 -10.73 13.57
CA PRO A 202 14.12 -9.67 13.13
C PRO A 202 14.60 -9.93 11.72
N GLY A 203 14.68 -8.88 10.94
CA GLY A 203 15.03 -8.97 9.54
C GLY A 203 13.88 -9.26 8.60
N ALA A 204 12.71 -9.64 9.11
CA ALA A 204 11.59 -9.91 8.22
C ALA A 204 10.82 -8.63 7.93
N ARG A 205 10.42 -8.46 6.68
CA ARG A 205 9.50 -7.40 6.29
C ARG A 205 8.39 -7.98 5.40
N PHE A 206 7.17 -7.52 5.64
CA PHE A 206 6.01 -7.92 4.86
C PHE A 206 5.42 -6.69 4.22
N GLU A 207 4.89 -6.85 3.04
CA GLU A 207 4.36 -5.77 2.23
C GLU A 207 3.05 -6.17 1.56
N PHE A 208 2.06 -5.27 1.60
CA PHE A 208 0.72 -5.47 1.02
C PHE A 208 0.33 -4.21 0.24
N ARG A 209 -0.04 -4.37 -1.02
CA ARG A 209 -0.31 -3.27 -1.93
C ARG A 209 -1.50 -3.59 -2.82
N SER A 210 -2.27 -2.55 -3.16
CA SER A 210 -3.24 -2.59 -4.26
C SER A 210 -3.07 -1.36 -5.13
N SER A 211 -3.38 -1.54 -6.40
CA SER A 211 -3.31 -0.44 -7.36
C SER A 211 -4.24 -0.76 -8.51
N THR A 212 -5.14 0.18 -8.82
CA THR A 212 -6.09 -0.03 -9.89
C THR A 212 -5.36 -0.10 -11.23
N GLY A 213 -5.92 -0.90 -12.15
CA GLY A 213 -5.28 -1.18 -13.41
C GLY A 213 -4.58 -2.53 -13.39
N ALA A 214 -4.70 -3.29 -14.49
CA ALA A 214 -4.01 -4.56 -14.62
C ALA A 214 -2.51 -4.33 -14.77
N GLU A 215 -1.70 -5.17 -14.11
CA GLU A 215 -0.29 -5.22 -14.47
C GLU A 215 -0.11 -5.82 -15.87
N LEU A 216 1.00 -5.47 -16.52
CA LEU A 216 1.18 -5.89 -17.91
C LEU A 216 1.59 -7.35 -18.05
N ASN A 217 2.18 -7.95 -17.01
CA ASN A 217 2.45 -9.38 -17.01
C ASN A 217 2.09 -9.98 -15.66
N SER A 218 2.07 -11.31 -15.59
CA SER A 218 1.81 -12.00 -14.35
C SER A 218 3.11 -12.27 -13.60
N LEU A 219 2.96 -12.66 -12.35
CA LEU A 219 4.10 -12.90 -11.50
C LEU A 219 4.97 -14.06 -12.02
N LEU A 220 4.36 -15.19 -12.38
CA LEU A 220 5.17 -16.33 -12.84
C LEU A 220 5.86 -15.99 -14.16
N GLU A 221 5.17 -15.29 -15.07
CA GLU A 221 5.79 -14.83 -16.32
C GLU A 221 6.97 -13.92 -16.03
N ARG A 222 6.85 -13.10 -14.99
CA ARG A 222 7.80 -12.03 -14.77
C ARG A 222 9.11 -12.56 -14.21
N VAL A 223 9.06 -13.48 -13.25
CA VAL A 223 10.24 -13.84 -12.46
C VAL A 223 10.76 -15.23 -12.71
N ASP A 224 10.08 -16.08 -13.48
CA ASP A 224 10.49 -17.47 -13.51
C ASP A 224 11.91 -17.63 -14.09
N GLY A 225 12.19 -16.98 -15.21
CA GLY A 225 13.52 -17.08 -15.78
C GLY A 225 14.60 -16.58 -14.83
N PHE A 226 14.37 -15.42 -14.22
CA PHE A 226 15.28 -14.91 -13.21
C PHE A 226 15.53 -15.92 -12.08
N VAL A 227 14.48 -16.49 -11.51
CA VAL A 227 14.67 -17.43 -10.40
C VAL A 227 15.43 -18.66 -10.88
N GLN A 228 15.11 -19.15 -12.07
CA GLN A 228 15.77 -20.35 -12.59
C GLN A 228 17.26 -20.12 -12.72
N ASN A 229 17.64 -18.93 -13.20
CA ASN A 229 19.05 -18.60 -13.29
C ASN A 229 19.69 -18.54 -11.90
N LEU A 231 18.74 -20.33 -9.29
CA LEU A 231 18.80 -21.70 -8.78
C LEU A 231 19.94 -22.47 -9.42
N SER A 232 20.22 -22.21 -10.68
CA SER A 232 21.31 -22.90 -11.35
C SER A 232 22.66 -22.26 -11.04
N THR A 233 22.68 -21.06 -10.46
CA THR A 233 23.95 -20.46 -10.06
C THR A 233 24.30 -20.78 -8.60
N PHE A 234 23.31 -20.88 -7.71
CA PHE A 234 23.55 -20.97 -6.26
C PHE A 234 22.89 -22.21 -5.71
N ALA A 235 23.71 -23.17 -5.24
CA ALA A 235 23.14 -24.40 -4.69
C ALA A 235 22.46 -24.18 -3.35
N GLY A 236 22.77 -23.09 -2.65
CA GLY A 236 22.03 -22.75 -1.45
C GLY A 236 20.61 -22.24 -1.70
N GLU A 238 16.78 -22.40 -3.17
CA GLU A 238 15.73 -23.29 -3.59
C GLU A 238 14.40 -22.55 -3.76
N THR A 239 13.56 -23.13 -4.62
CA THR A 239 12.14 -22.78 -4.70
C THR A 239 11.34 -23.65 -3.74
N LEU A 240 10.65 -23.00 -2.80
CA LEU A 240 9.77 -23.70 -1.86
C LEU A 240 8.41 -24.01 -2.48
N ARG A 241 7.86 -23.06 -3.23
CA ARG A 241 6.56 -23.21 -3.87
C ARG A 241 6.48 -22.29 -5.07
N LYS A 242 5.76 -22.77 -6.09
CA LYS A 242 5.54 -22.05 -7.34
C LYS A 242 4.20 -22.49 -7.92
N GLY A 243 3.35 -21.54 -8.27
CA GLY A 243 2.05 -21.87 -8.82
C GLY A 243 0.95 -20.89 -8.48
N LYS A 244 -0.21 -21.40 -8.05
CA LYS A 244 -1.34 -20.56 -7.68
C LYS A 244 -1.69 -20.70 -6.21
N HIS A 245 -2.19 -19.60 -5.66
CA HIS A 245 -2.62 -19.53 -4.26
C HIS A 245 -3.87 -18.67 -4.23
N PRO A 246 -5.00 -19.20 -4.70
CA PRO A 246 -6.24 -18.43 -4.62
C PRO A 246 -6.62 -18.19 -3.16
N VAL A 247 -7.24 -17.05 -2.92
CA VAL A 247 -7.82 -16.75 -1.62
C VAL A 247 -9.24 -16.30 -1.92
N GLY A 248 -10.21 -17.16 -1.59
CA GLY A 248 -11.55 -17.03 -2.14
C GLY A 248 -11.48 -16.85 -3.65
N SER A 249 -12.08 -15.78 -4.11
CA SER A 249 -12.17 -15.40 -5.51
C SER A 249 -10.92 -14.66 -6.04
N LEU A 250 -9.96 -14.33 -5.20
CA LEU A 250 -8.75 -13.61 -5.65
C LEU A 250 -7.79 -14.59 -6.34
N PRO A 251 -7.51 -14.44 -7.61
CA PRO A 251 -6.70 -15.48 -8.28
C PRO A 251 -5.20 -15.22 -8.19
N GLY A 252 -4.63 -15.42 -7.00
CA GLY A 252 -3.24 -15.07 -6.78
C GLY A 252 -2.30 -16.09 -7.38
N GLU A 253 -1.33 -15.61 -8.15
CA GLU A 253 -0.13 -16.37 -8.47
C GLU A 253 0.89 -16.23 -7.33
N GLU A 254 1.68 -17.28 -7.12
CA GLU A 254 2.56 -17.34 -5.96
C GLU A 254 3.92 -17.92 -6.33
N TYR A 255 4.97 -17.36 -5.73
CA TYR A 255 6.34 -17.84 -5.98
C TYR A 255 7.15 -17.61 -4.70
N LEU A 256 7.60 -18.68 -4.07
CA LEU A 256 8.30 -18.61 -2.80
C LEU A 256 9.70 -19.18 -2.95
N VAL A 257 10.71 -18.36 -2.66
CA VAL A 257 12.09 -18.83 -2.72
C VAL A 257 12.79 -18.58 -1.39
N ALA A 258 13.83 -19.37 -1.16
CA ALA A 258 14.66 -19.28 0.04
C ALA A 258 16.08 -19.70 -0.30
N GLY A 259 17.03 -19.19 0.48
CA GLY A 259 18.44 -19.51 0.26
C GLY A 259 19.28 -19.30 1.50
N SER A 260 20.37 -20.05 1.56
CA SER A 260 21.30 -20.00 2.69
C SER A 260 22.68 -19.66 2.20
N ASP A 261 23.29 -18.69 2.86
CA ASP A 261 24.64 -18.24 2.53
C ASP A 261 25.15 -17.39 3.69
N LYS A 262 26.48 -17.35 3.84
CA LYS A 262 27.13 -16.49 4.83
C LYS A 262 26.55 -16.73 6.22
N GLY A 263 26.16 -17.96 6.52
CA GLY A 263 25.60 -18.28 7.81
C GLY A 263 24.17 -17.84 8.05
N GLN A 264 23.47 -17.31 7.03
CA GLN A 264 22.13 -16.76 7.20
C GLN A 264 21.18 -17.43 6.21
N ARG A 265 19.89 -17.40 6.54
CA ARG A 265 18.87 -17.88 5.62
C ARG A 265 17.92 -16.73 5.32
N GLY A 266 17.81 -16.44 4.03
CA GLY A 266 16.96 -15.42 3.49
C GLY A 266 15.79 -15.98 2.74
N TYR A 267 14.78 -15.14 2.55
CA TYR A 267 13.49 -15.54 1.99
C TYR A 267 13.04 -14.45 1.05
N THR A 268 12.38 -14.86 -0.02
CA THR A 268 11.56 -13.93 -0.78
C THR A 268 10.29 -14.63 -1.25
N PHE A 269 9.20 -14.28 -0.61
CA PHE A 269 7.87 -14.82 -0.86
C PHE A 269 7.05 -13.76 -1.58
N TRP A 271 3.35 -12.93 -3.96
CA TRP A 271 1.95 -13.26 -4.24
C TRP A 271 1.33 -12.10 -5.00
N GLU A 272 0.66 -12.39 -6.11
CA GLU A 272 0.12 -11.33 -6.94
C GLU A 272 -1.15 -11.74 -7.67
N VAL A 273 -2.15 -10.88 -7.56
CA VAL A 273 -3.29 -10.85 -8.48
C VAL A 273 -3.00 -9.83 -9.56
N GLN A 274 -3.02 -10.28 -10.82
CA GLN A 274 -2.62 -9.41 -11.92
C GLN A 274 -3.53 -8.18 -12.02
N GLY A 275 -4.83 -8.37 -11.79
CA GLY A 275 -5.81 -7.31 -11.80
C GLY A 275 -6.56 -7.17 -13.13
N LYS A 276 -7.67 -6.46 -13.07
CA LYS A 276 -8.50 -6.13 -14.23
C LYS A 276 -8.66 -4.62 -14.38
N GLU A 277 -8.84 -4.14 -15.60
CA GLU A 277 -8.97 -2.71 -15.79
C GLU A 277 -10.28 -2.21 -15.18
N GLU A 278 -10.23 -0.98 -14.65
CA GLU A 278 -11.41 -0.28 -14.11
C GLU A 278 -12.19 -1.09 -13.06
N SER A 279 -11.47 -1.88 -12.26
CA SER A 279 -12.09 -2.66 -11.18
C SER A 279 -11.53 -2.20 -9.85
N LEU A 280 -12.44 -1.88 -8.92
CA LEU A 280 -12.08 -1.49 -7.56
C LEU A 280 -11.71 -2.72 -6.74
N THR A 281 -12.39 -3.83 -7.01
CA THR A 281 -12.31 -5.00 -6.16
C THR A 281 -11.43 -6.11 -6.73
N GLU A 282 -10.97 -5.99 -7.98
CA GLU A 282 -9.90 -6.84 -8.49
C GLU A 282 -8.83 -5.95 -9.13
N PRO A 283 -8.25 -5.04 -8.37
CA PRO A 283 -7.08 -4.31 -8.85
C PRO A 283 -5.86 -5.22 -8.89
N ASN A 284 -4.76 -4.68 -9.40
CA ASN A 284 -3.47 -5.30 -9.12
C ASN A 284 -3.30 -5.35 -7.61
N LEU A 285 -2.91 -6.51 -7.10
CA LEU A 285 -2.87 -6.76 -5.67
C LEU A 285 -1.67 -7.64 -5.36
N THR A 286 -0.83 -7.23 -4.41
CA THR A 286 0.40 -7.95 -4.12
C THR A 286 0.67 -8.06 -2.63
N ALA A 287 1.25 -9.18 -2.25
CA ALA A 287 1.78 -9.38 -0.93
C ALA A 287 3.15 -9.99 -1.10
N GLY A 288 4.05 -9.60 -0.22
CA GLY A 288 5.42 -10.06 -0.25
C GLY A 288 5.98 -10.12 1.14
N LEU A 289 6.89 -11.05 1.32
CA LEU A 289 7.59 -11.21 2.59
C LEU A 289 9.06 -11.49 2.27
N ALA A 290 9.97 -10.72 2.84
CA ALA A 290 11.38 -10.88 2.53
C ALA A 290 12.22 -10.87 3.80
N VAL A 291 13.26 -11.71 3.79
CA VAL A 291 14.38 -11.63 4.72
C VAL A 291 15.64 -11.54 3.87
N LEU A 292 16.34 -10.43 3.95
CA LEU A 292 17.54 -10.18 3.16
C LEU A 292 18.77 -10.20 4.06
N GLU A 293 19.94 -9.94 3.47
CA GLU A 293 21.19 -10.03 4.20
C GLU A 293 21.22 -9.03 5.34
N ARG A 294 21.63 -9.49 6.52
CA ARG A 294 21.90 -8.59 7.62
C ARG A 294 23.33 -8.79 8.14
N SER A 295 23.92 -7.70 8.62
CA SER A 295 25.31 -7.75 9.04
C SER A 295 25.45 -8.42 10.40
N ASN A 296 26.67 -8.86 10.71
CA ASN A 296 26.98 -9.66 11.90
C ASN A 296 26.59 -9.01 13.22
N PRO A 301 27.26 -13.67 13.26
CA PRO A 301 26.14 -14.17 12.46
C PRO A 301 24.80 -13.80 13.10
N PRO A 302 23.94 -13.08 12.38
CA PRO A 302 22.77 -12.47 13.02
C PRO A 302 21.75 -13.50 13.43
N PRO A 303 20.81 -13.15 14.28
CA PRO A 303 19.84 -14.12 14.75
C PRO A 303 18.87 -14.47 13.64
N PRO A 304 18.46 -15.72 13.54
CA PRO A 304 17.50 -16.11 12.49
C PRO A 304 16.19 -15.33 12.57
N ALA A 305 15.61 -15.04 11.40
CA ALA A 305 14.30 -14.41 11.35
C ALA A 305 13.21 -15.38 11.76
N PHE A 306 13.37 -16.65 11.41
CA PHE A 306 12.40 -17.68 11.68
C PHE A 306 13.14 -18.91 12.20
N LYS A 307 12.42 -19.78 12.90
CA LYS A 307 12.99 -21.01 13.41
C LYS A 307 13.20 -22.04 12.31
N SER A 308 12.40 -21.97 11.26
CA SER A 308 12.44 -22.94 10.19
C SER A 308 11.61 -22.40 9.05
N ASP A 309 11.84 -22.99 7.88
CA ASP A 309 11.01 -22.69 6.73
C ASP A 309 9.54 -22.85 7.06
N LYS A 310 9.20 -23.89 7.84
CA LYS A 310 7.79 -24.14 8.14
C LYS A 310 7.16 -22.98 8.89
N GLU A 311 7.87 -22.46 9.90
CA GLU A 311 7.38 -21.29 10.61
C GLU A 311 7.16 -20.12 9.66
N ALA A 312 8.12 -19.88 8.78
CA ALA A 312 8.00 -18.79 7.80
C ALA A 312 6.78 -18.99 6.92
N LEU A 313 6.57 -20.22 6.45
CA LEU A 313 5.46 -20.52 5.55
C LEU A 313 4.12 -20.42 6.26
N GLU A 314 4.08 -20.80 7.54
CA GLU A 314 2.85 -20.67 8.32
C GLU A 314 2.47 -19.22 8.53
N LEU A 315 3.43 -18.35 8.85
CA LEU A 315 3.09 -16.95 8.99
C LEU A 315 2.58 -16.42 7.65
N TRP A 316 3.27 -16.78 6.58
CA TRP A 316 2.92 -16.31 5.26
C TRP A 316 1.51 -16.72 4.89
N ASP A 317 1.23 -18.03 4.96
CA ASP A 317 -0.09 -18.54 4.58
C ASP A 317 -1.20 -17.95 5.45
N THR A 318 -0.97 -17.84 6.75
CA THR A 318 -2.00 -17.28 7.62
C THR A 318 -2.32 -15.84 7.23
N ILE A 319 -1.30 -15.03 6.92
CA ILE A 319 -1.59 -13.66 6.50
C ILE A 319 -2.26 -13.67 5.13
N VAL A 320 -1.69 -14.38 4.18
CA VAL A 320 -2.21 -14.28 2.82
C VAL A 320 -3.64 -14.81 2.76
N ASP A 321 -3.93 -15.90 3.49
CA ASP A 321 -5.30 -16.46 3.43
C ASP A 321 -6.34 -15.57 4.10
N SER A 322 -5.92 -14.52 4.81
CA SER A 322 -6.84 -13.57 5.44
C SER A 322 -7.13 -12.38 4.55
N ILE A 323 -6.56 -12.31 3.36
CA ILE A 323 -6.82 -11.19 2.45
C ILE A 323 -8.21 -11.37 1.84
N ARG A 324 -9.03 -10.32 1.89
CA ARG A 324 -10.33 -10.40 1.24
C ARG A 324 -10.88 -9.01 0.99
N VAL A 325 -11.68 -8.89 -0.08
CA VAL A 325 -12.44 -7.66 -0.26
C VAL A 325 -13.30 -7.43 0.98
N ARG A 326 -13.37 -6.17 1.42
CA ARG A 326 -14.22 -5.83 2.57
C ARG A 326 -15.69 -5.98 2.18
N PRO A 327 -16.47 -6.85 2.84
CA PRO A 327 -17.91 -6.95 2.50
C PRO A 327 -18.64 -5.65 2.86
N THR A 328 -19.48 -5.18 1.94
CA THR A 328 -20.16 -3.90 2.15
C THR A 328 -21.63 -3.98 1.75
N ASP B 2 26.67 -13.27 -6.32
CA ASP B 2 26.43 -13.37 -4.87
C ASP B 2 24.94 -13.66 -4.50
N LEU B 3 24.72 -14.60 -3.59
CA LEU B 3 23.37 -15.13 -3.36
C LEU B 3 22.46 -14.04 -2.80
N PHE B 4 22.88 -13.36 -1.74
CA PHE B 4 22.01 -12.35 -1.16
C PHE B 4 21.88 -11.13 -2.04
N ALA B 5 22.86 -10.88 -2.91
CA ALA B 5 22.70 -9.79 -3.86
C ALA B 5 21.64 -10.12 -4.89
N SER B 6 21.53 -11.40 -5.27
CA SER B 6 20.51 -11.84 -6.20
C SER B 6 19.12 -11.77 -5.57
N ILE B 7 19.01 -12.28 -4.34
CA ILE B 7 17.77 -12.19 -3.57
C ILE B 7 17.34 -10.73 -3.45
N GLY B 8 18.29 -9.85 -3.18
CA GLY B 8 17.98 -8.44 -3.04
C GLY B 8 17.53 -7.85 -4.37
N ALA B 9 18.19 -8.23 -5.46
CA ALA B 9 17.76 -7.75 -6.77
C ALA B 9 16.33 -8.21 -7.08
N LEU B 10 16.02 -9.45 -6.71
CA LEU B 10 14.70 -10.00 -6.97
C LEU B 10 13.64 -9.21 -6.24
N TRP B 11 13.89 -8.96 -4.95
CA TRP B 11 12.95 -8.27 -4.08
C TRP B 11 12.79 -6.80 -4.46
N THR B 12 13.91 -6.11 -4.74
CA THR B 12 13.82 -4.67 -4.92
C THR B 12 13.31 -4.31 -6.31
N TRP B 13 13.56 -5.17 -7.32
CA TRP B 13 13.26 -4.76 -8.69
C TRP B 13 12.65 -5.87 -9.55
N ALA B 14 13.24 -7.07 -9.57
CA ALA B 14 12.86 -8.04 -10.60
C ALA B 14 11.42 -8.54 -10.45
N TRP B 15 10.90 -8.70 -9.23
CA TRP B 15 9.51 -9.15 -9.10
C TRP B 15 8.48 -8.01 -9.18
N ARG B 16 8.92 -6.79 -9.27
CA ARG B 16 8.01 -5.68 -9.38
C ARG B 16 7.66 -5.47 -10.86
N GLY B 17 6.37 -5.57 -11.17
CA GLY B 17 5.86 -5.32 -12.50
C GLY B 17 6.05 -3.86 -12.96
N PRO B 18 5.91 -3.62 -14.27
CA PRO B 18 6.11 -2.24 -14.79
C PRO B 18 5.29 -1.18 -14.05
N LYS B 19 4.00 -1.41 -13.83
CA LYS B 19 3.22 -0.40 -13.12
C LYS B 19 3.73 -0.23 -11.70
N ALA B 20 3.94 -1.33 -10.98
CA ALA B 20 4.44 -1.20 -9.62
C ALA B 20 5.82 -0.52 -9.56
N ARG B 21 6.66 -0.67 -10.60
CA ARG B 21 7.96 0.01 -10.57
C ARG B 21 7.81 1.53 -10.62
N GLN B 22 6.94 2.03 -11.50
CA GLN B 22 6.73 3.48 -11.59
C GLN B 22 6.18 4.03 -10.29
N GLU B 23 5.31 3.27 -9.63
CA GLU B 23 4.69 3.74 -8.40
C GLU B 23 5.74 3.81 -7.29
N LEU B 24 6.54 2.76 -7.17
CA LEU B 24 7.58 2.75 -6.15
C LEU B 24 8.59 3.87 -6.36
N LEU B 25 8.89 4.21 -7.61
CA LEU B 25 9.90 5.22 -7.85
C LEU B 25 9.41 6.66 -7.64
N LYS B 26 8.11 6.93 -7.62
CA LYS B 26 7.65 8.31 -7.37
C LYS B 26 8.12 8.88 -6.04
#